data_1EJ1
#
_entry.id   1EJ1
#
_cell.length_a   69.6
_cell.length_b   75.4
_cell.length_c   76.6
_cell.angle_alpha   90.00
_cell.angle_beta   90.00
_cell.angle_gamma   90.00
#
_symmetry.space_group_name_H-M   'P 21 21 21'
#
loop_
_entity.id
_entity.type
_entity.pdbx_description
1 polymer 'EUKARYOTIC TRANSLATION INITIATION FACTOR 4E'
2 non-polymer "7N-METHYL-8-HYDROGUANOSINE-5'-DIPHOSPHATE"
3 water water
#
_entity_poly.entity_id   1
_entity_poly.type   'polypeptide(L)'
_entity_poly.pdbx_seq_one_letter_code
;VANPEHYIKHPLQNRWALWFFKNDKSKTWQANLRLISKFDTVEDFWALYNHIQLSSNLMPGCDYSLFKDGIEPMWEDEKN
KRGGRWLITLNKQQRRSDLDRFWLETLLCLIGESFDDYSDDVCGAVVNVRAKGDKIAIWTTECENRDAVTHIGRVYKERL
GLPPKIVIGYQSHADTATKSGSTTKNRFVV
;
_entity_poly.pdbx_strand_id   A,B
#
# COMPACT_ATOMS: atom_id res chain seq x y z
N LYS A 9 -0.10 -7.85 -17.80
CA LYS A 9 -1.14 -7.38 -16.82
C LYS A 9 -1.46 -8.47 -15.80
N HIS A 10 -1.50 -8.14 -14.52
CA HIS A 10 -1.75 -9.12 -13.48
C HIS A 10 -3.14 -9.01 -12.96
N PRO A 11 -4.02 -9.89 -13.40
CA PRO A 11 -5.43 -9.89 -12.99
C PRO A 11 -5.64 -10.00 -11.47
N LEU A 12 -6.78 -9.47 -11.03
CA LEU A 12 -7.15 -9.51 -9.64
C LEU A 12 -8.13 -10.65 -9.66
N GLN A 13 -8.43 -11.20 -8.50
CA GLN A 13 -9.35 -12.32 -8.46
C GLN A 13 -10.78 -11.86 -8.61
N ASN A 14 -11.01 -10.58 -8.39
CA ASN A 14 -12.35 -10.03 -8.53
C ASN A 14 -12.26 -8.72 -9.31
N ARG A 15 -13.35 -8.35 -9.96
CA ARG A 15 -13.38 -7.07 -10.63
C ARG A 15 -13.97 -6.16 -9.54
N TRP A 16 -13.37 -4.98 -9.40
CA TRP A 16 -13.75 -4.02 -8.38
C TRP A 16 -14.27 -2.70 -8.92
N ALA A 17 -15.13 -2.06 -8.17
CA ALA A 17 -15.68 -0.81 -8.61
C ALA A 17 -15.52 0.28 -7.53
N LEU A 18 -14.94 1.41 -7.92
CA LEU A 18 -14.78 2.55 -7.02
C LEU A 18 -15.98 3.46 -7.22
N TRP A 19 -16.70 3.73 -6.13
CA TRP A 19 -17.87 4.62 -6.13
C TRP A 19 -17.55 5.84 -5.29
N PHE A 20 -18.18 6.95 -5.65
CA PHE A 20 -18.05 8.21 -4.95
C PHE A 20 -19.44 8.60 -4.42
N PHE A 21 -19.52 9.11 -3.19
CA PHE A 21 -20.81 9.55 -2.66
C PHE A 21 -20.62 11.02 -2.37
N LYS A 22 -21.54 11.83 -2.86
CA LYS A 22 -21.48 13.27 -2.67
C LYS A 22 -22.49 13.72 -1.62
N ASN A 23 -22.03 14.43 -0.61
CA ASN A 23 -22.90 14.98 0.40
C ASN A 23 -23.63 16.08 -0.38
N ASP A 24 -24.91 15.88 -0.65
CA ASP A 24 -25.68 16.84 -1.43
C ASP A 24 -27.06 16.51 -0.90
N LYS A 25 -27.45 17.13 0.21
CA LYS A 25 -28.76 16.84 0.80
C LYS A 25 -29.97 17.22 -0.09
N SER A 26 -29.72 17.85 -1.23
CA SER A 26 -30.78 18.22 -2.16
C SER A 26 -31.13 17.04 -3.06
N LYS A 27 -30.34 15.96 -3.04
CA LYS A 27 -30.60 14.78 -3.87
C LYS A 27 -30.83 13.64 -2.84
N THR A 28 -31.58 12.59 -3.17
CA THR A 28 -31.77 11.52 -2.20
C THR A 28 -30.42 10.83 -2.04
N TRP A 29 -30.25 10.09 -0.96
CA TRP A 29 -28.98 9.43 -0.73
C TRP A 29 -28.52 8.58 -1.90
N GLN A 30 -29.44 7.83 -2.51
CA GLN A 30 -29.04 6.96 -3.60
C GLN A 30 -28.53 7.67 -4.84
N ALA A 31 -29.09 8.85 -5.14
CA ALA A 31 -28.73 9.60 -6.32
C ALA A 31 -27.40 10.30 -6.16
N ASN A 32 -26.87 10.32 -4.94
CA ASN A 32 -25.58 10.95 -4.66
C ASN A 32 -24.40 9.99 -4.82
N LEU A 33 -24.71 8.73 -5.17
CA LEU A 33 -23.73 7.68 -5.39
C LEU A 33 -23.41 7.68 -6.87
N ARG A 34 -22.15 7.67 -7.21
CA ARG A 34 -21.74 7.72 -8.59
C ARG A 34 -20.62 6.77 -8.81
N LEU A 35 -20.64 6.07 -9.93
CA LEU A 35 -19.57 5.14 -10.22
C LEU A 35 -18.39 5.92 -10.81
N ILE A 36 -17.18 5.66 -10.36
CA ILE A 36 -16.03 6.35 -10.93
C ILE A 36 -15.39 5.47 -11.99
N SER A 37 -14.93 4.29 -11.57
CA SER A 37 -14.27 3.36 -12.47
C SER A 37 -14.31 1.95 -11.90
N LYS A 38 -14.03 0.98 -12.77
CA LYS A 38 -13.95 -0.41 -12.39
C LYS A 38 -12.58 -0.94 -12.87
N PHE A 39 -12.01 -1.92 -12.18
CA PHE A 39 -10.71 -2.47 -12.57
C PHE A 39 -10.69 -3.91 -12.06
N ASP A 40 -9.98 -4.76 -12.77
CA ASP A 40 -9.84 -6.17 -12.46
C ASP A 40 -8.40 -6.56 -12.70
N THR A 41 -7.54 -5.55 -12.57
CA THR A 41 -6.10 -5.70 -12.81
C THR A 41 -5.28 -4.92 -11.77
N VAL A 42 -4.13 -5.45 -11.35
CA VAL A 42 -3.28 -4.75 -10.40
C VAL A 42 -2.86 -3.37 -10.99
N GLU A 43 -2.46 -3.38 -12.24
CA GLU A 43 -2.05 -2.16 -12.91
C GLU A 43 -3.18 -1.18 -12.97
N ASP A 44 -4.39 -1.64 -13.25
CA ASP A 44 -5.51 -0.73 -13.34
C ASP A 44 -5.91 -0.23 -11.96
N PHE A 45 -5.63 -1.00 -10.91
CA PHE A 45 -5.89 -0.53 -9.56
C PHE A 45 -4.95 0.65 -9.31
N TRP A 46 -3.65 0.43 -9.48
CA TRP A 46 -2.68 1.49 -9.28
C TRP A 46 -2.91 2.68 -10.19
N ALA A 47 -3.28 2.43 -11.44
CA ALA A 47 -3.55 3.52 -12.38
C ALA A 47 -4.75 4.30 -11.85
N LEU A 48 -5.71 3.62 -11.23
CA LEU A 48 -6.83 4.33 -10.65
C LEU A 48 -6.33 5.07 -9.41
N TYR A 49 -5.84 4.31 -8.42
CA TYR A 49 -5.34 4.89 -7.18
C TYR A 49 -4.41 6.10 -7.32
N ASN A 50 -3.41 5.96 -8.17
CA ASN A 50 -2.43 7.05 -8.37
C ASN A 50 -2.95 8.33 -9.03
N HIS A 51 -4.15 8.30 -9.57
CA HIS A 51 -4.70 9.43 -10.29
C HIS A 51 -6.06 9.87 -9.87
N ILE A 52 -6.42 9.66 -8.61
CA ILE A 52 -7.71 10.05 -8.09
C ILE A 52 -7.44 10.66 -6.71
N GLN A 53 -8.33 11.53 -6.25
CA GLN A 53 -8.10 12.15 -4.95
C GLN A 53 -8.01 11.17 -3.78
N LEU A 54 -7.27 11.56 -2.76
CA LEU A 54 -7.13 10.76 -1.58
C LEU A 54 -8.43 11.01 -0.86
N SER A 55 -8.84 10.09 -0.03
CA SER A 55 -10.06 10.27 0.74
C SER A 55 -9.99 11.58 1.55
N SER A 56 -8.82 11.89 2.07
CA SER A 56 -8.60 13.11 2.85
C SER A 56 -8.84 14.42 2.07
N ASN A 57 -8.79 14.37 0.75
CA ASN A 57 -9.02 15.57 -0.03
C ASN A 57 -10.49 15.72 -0.33
N LEU A 58 -11.28 14.72 0.03
CA LEU A 58 -12.72 14.75 -0.22
C LEU A 58 -13.40 15.74 0.68
N MET A 59 -14.53 16.25 0.21
CA MET A 59 -15.28 17.21 0.98
C MET A 59 -16.02 16.50 2.10
N PRO A 60 -16.26 17.22 3.22
CA PRO A 60 -16.96 16.65 4.35
C PRO A 60 -18.30 16.07 3.90
N GLY A 61 -18.57 14.84 4.27
CA GLY A 61 -19.82 14.21 3.89
C GLY A 61 -19.67 13.22 2.73
N CYS A 62 -18.52 13.22 2.08
CA CYS A 62 -18.28 12.33 0.96
C CYS A 62 -17.62 11.04 1.35
N ASP A 63 -17.96 10.02 0.58
CA ASP A 63 -17.48 8.66 0.79
C ASP A 63 -16.85 8.18 -0.51
N TYR A 64 -15.93 7.24 -0.39
CA TYR A 64 -15.38 6.55 -1.53
C TYR A 64 -15.79 5.15 -1.10
N SER A 65 -16.19 4.31 -2.05
CA SER A 65 -16.56 2.94 -1.71
C SER A 65 -15.94 2.05 -2.72
N LEU A 66 -15.40 0.93 -2.30
CA LEU A 66 -14.84 -0.02 -3.25
C LEU A 66 -15.63 -1.30 -3.03
N PHE A 67 -16.41 -1.69 -4.04
CA PHE A 67 -17.27 -2.87 -3.95
C PHE A 67 -17.10 -3.84 -5.09
N LYS A 68 -17.37 -5.12 -4.86
CA LYS A 68 -17.26 -6.06 -5.94
C LYS A 68 -18.16 -5.61 -7.08
N ASP A 69 -17.69 -5.72 -8.31
CA ASP A 69 -18.50 -5.37 -9.46
C ASP A 69 -19.89 -6.05 -9.29
N GLY A 70 -20.98 -5.32 -9.54
CA GLY A 70 -22.31 -5.87 -9.42
C GLY A 70 -22.97 -5.70 -8.06
N ILE A 71 -22.22 -5.17 -7.12
CA ILE A 71 -22.75 -4.91 -5.80
C ILE A 71 -22.68 -3.41 -5.62
N GLU A 72 -23.83 -2.77 -5.46
CA GLU A 72 -23.87 -1.34 -5.28
C GLU A 72 -23.59 -1.15 -3.78
N PRO A 73 -22.78 -0.15 -3.44
CA PRO A 73 -22.40 0.15 -2.06
C PRO A 73 -23.51 0.78 -1.23
N MET A 74 -24.64 0.09 -1.18
CA MET A 74 -25.79 0.57 -0.43
C MET A 74 -26.46 -0.64 0.17
N TRP A 75 -27.09 -0.43 1.31
CA TRP A 75 -27.78 -1.47 2.07
C TRP A 75 -28.77 -2.25 1.23
N GLU A 76 -29.32 -1.56 0.23
CA GLU A 76 -30.36 -2.07 -0.67
C GLU A 76 -29.97 -3.15 -1.64
N ASP A 77 -28.67 -3.30 -1.88
CA ASP A 77 -28.20 -4.34 -2.80
C ASP A 77 -28.50 -5.64 -2.10
N GLU A 78 -28.87 -6.64 -2.86
CA GLU A 78 -29.17 -7.94 -2.31
C GLU A 78 -27.99 -8.49 -1.55
N LYS A 79 -26.80 -8.16 -2.03
CA LYS A 79 -25.62 -8.66 -1.37
C LYS A 79 -25.26 -7.91 -0.09
N ASN A 80 -25.92 -6.79 0.15
CA ASN A 80 -25.67 -6.03 1.37
C ASN A 80 -26.82 -6.08 2.39
N LYS A 81 -28.03 -6.31 1.88
CA LYS A 81 -29.26 -6.37 2.64
C LYS A 81 -29.17 -7.02 4.03
N ARG A 82 -28.69 -8.25 4.06
CA ARG A 82 -28.61 -9.01 5.31
C ARG A 82 -27.22 -8.89 5.89
N GLY A 83 -26.44 -7.98 5.35
CA GLY A 83 -25.07 -7.85 5.78
C GLY A 83 -24.80 -6.93 6.92
N GLY A 84 -23.56 -6.52 7.03
CA GLY A 84 -23.17 -5.64 8.13
C GLY A 84 -21.82 -5.05 7.85
N ARG A 85 -21.25 -4.31 8.78
CA ARG A 85 -19.97 -3.72 8.51
C ARG A 85 -19.05 -3.75 9.68
N TRP A 86 -17.77 -3.90 9.39
CA TRP A 86 -16.77 -3.82 10.42
C TRP A 86 -16.42 -2.34 10.33
N LEU A 87 -16.74 -1.59 11.37
CA LEU A 87 -16.57 -0.14 11.37
C LEU A 87 -15.35 0.32 12.10
N ILE A 88 -14.49 1.05 11.42
CA ILE A 88 -13.32 1.56 12.05
C ILE A 88 -13.56 3.04 12.19
N THR A 89 -13.57 3.51 13.42
CA THR A 89 -13.78 4.93 13.61
C THR A 89 -12.45 5.63 13.83
N LEU A 90 -12.21 6.68 13.06
CA LEU A 90 -10.99 7.42 13.15
C LEU A 90 -11.20 8.70 13.93
N ASN A 91 -10.19 9.06 14.72
CA ASN A 91 -10.21 10.29 15.50
C ASN A 91 -9.99 11.38 14.45
N LYS A 92 -10.74 12.47 14.53
CA LYS A 92 -10.64 13.58 13.60
C LYS A 92 -9.25 14.16 13.40
N GLN A 93 -8.48 14.35 14.47
CA GLN A 93 -7.13 14.91 14.34
C GLN A 93 -6.04 13.88 14.01
N GLN A 94 -6.47 12.68 13.67
CA GLN A 94 -5.57 11.60 13.25
C GLN A 94 -5.81 11.34 11.74
N ARG A 95 -6.69 12.15 11.13
CA ARG A 95 -7.04 12.08 9.71
C ARG A 95 -5.80 12.01 8.86
N ARG A 96 -4.96 13.02 8.99
CA ARG A 96 -3.73 13.12 8.23
C ARG A 96 -2.84 11.90 8.34
N SER A 97 -2.65 11.35 9.53
CA SER A 97 -1.76 10.21 9.70
C SER A 97 -2.33 8.81 9.52
N ASP A 98 -3.66 8.70 9.58
CA ASP A 98 -4.34 7.41 9.51
C ASP A 98 -5.28 7.15 8.35
N LEU A 99 -6.11 8.13 8.02
CA LEU A 99 -7.13 7.97 6.98
C LEU A 99 -6.75 7.34 5.65
N ASP A 100 -5.80 7.95 4.97
CA ASP A 100 -5.40 7.47 3.68
C ASP A 100 -4.64 6.17 3.75
N ARG A 101 -3.84 5.99 4.79
CA ARG A 101 -3.10 4.73 5.00
C ARG A 101 -4.10 3.59 5.22
N PHE A 102 -5.08 3.79 6.10
CA PHE A 102 -6.11 2.80 6.41
C PHE A 102 -6.97 2.46 5.21
N TRP A 103 -7.35 3.49 4.46
CA TRP A 103 -8.14 3.32 3.26
C TRP A 103 -7.36 2.48 2.25
N LEU A 104 -6.11 2.86 1.99
CA LEU A 104 -5.31 2.11 1.05
C LEU A 104 -5.09 0.70 1.53
N GLU A 105 -4.76 0.52 2.81
CA GLU A 105 -4.55 -0.82 3.32
C GLU A 105 -5.80 -1.64 3.17
N THR A 106 -6.96 -1.02 3.37
CA THR A 106 -8.25 -1.69 3.20
C THR A 106 -8.49 -2.11 1.74
N LEU A 107 -8.25 -1.22 0.80
CA LEU A 107 -8.43 -1.55 -0.60
C LEU A 107 -7.55 -2.72 -0.91
N LEU A 108 -6.34 -2.72 -0.36
CA LEU A 108 -5.38 -3.79 -0.60
C LEU A 108 -5.83 -5.11 0.01
N CYS A 109 -6.57 -5.01 1.10
CA CYS A 109 -7.14 -6.17 1.77
C CYS A 109 -8.19 -6.80 0.85
N LEU A 110 -9.11 -5.95 0.40
CA LEU A 110 -10.19 -6.38 -0.50
C LEU A 110 -9.58 -6.99 -1.75
N ILE A 111 -8.88 -6.15 -2.51
CA ILE A 111 -8.21 -6.47 -3.76
C ILE A 111 -7.28 -7.68 -3.67
N GLY A 112 -6.56 -7.82 -2.55
CA GLY A 112 -5.65 -8.94 -2.36
C GLY A 112 -6.34 -10.20 -1.85
N GLU A 113 -7.64 -10.11 -1.61
CA GLU A 113 -8.39 -11.27 -1.12
C GLU A 113 -7.77 -11.83 0.14
N SER A 114 -7.47 -10.93 1.08
CA SER A 114 -6.85 -11.25 2.37
C SER A 114 -7.76 -12.03 3.30
N PHE A 115 -9.02 -12.16 2.92
CA PHE A 115 -9.99 -12.85 3.75
C PHE A 115 -10.18 -14.33 3.41
N ASP A 116 -9.37 -14.81 2.46
CA ASP A 116 -9.33 -16.20 2.01
C ASP A 116 -10.63 -16.95 1.81
N ASP A 117 -10.84 -17.97 2.64
CA ASP A 117 -12.01 -18.84 2.58
C ASP A 117 -13.33 -18.08 2.81
N TYR A 118 -13.20 -16.87 3.32
CA TYR A 118 -14.33 -16.01 3.65
C TYR A 118 -14.42 -14.83 2.70
N SER A 119 -13.67 -14.91 1.60
CA SER A 119 -13.66 -13.86 0.60
C SER A 119 -15.02 -13.52 0.06
N ASP A 120 -15.86 -14.53 -0.09
CA ASP A 120 -17.19 -14.34 -0.61
C ASP A 120 -18.19 -13.69 0.31
N ASP A 121 -17.78 -13.43 1.54
CA ASP A 121 -18.67 -12.74 2.48
C ASP A 121 -18.40 -11.25 2.37
N VAL A 122 -17.26 -10.89 1.79
CA VAL A 122 -16.86 -9.48 1.64
C VAL A 122 -17.56 -8.84 0.46
N CYS A 123 -18.21 -7.71 0.69
CA CYS A 123 -18.88 -7.00 -0.39
C CYS A 123 -18.01 -5.82 -0.89
N GLY A 124 -17.38 -5.12 0.03
CA GLY A 124 -16.55 -4.00 -0.36
C GLY A 124 -16.22 -3.22 0.90
N ALA A 125 -15.86 -1.97 0.76
CA ALA A 125 -15.53 -1.17 1.90
C ALA A 125 -15.89 0.28 1.57
N VAL A 126 -16.18 1.04 2.61
CA VAL A 126 -16.56 2.45 2.47
C VAL A 126 -15.74 3.32 3.37
N VAL A 127 -15.27 4.44 2.83
CA VAL A 127 -14.54 5.42 3.62
C VAL A 127 -15.43 6.67 3.62
N ASN A 128 -15.89 7.04 4.80
CA ASN A 128 -16.75 8.18 5.01
C ASN A 128 -15.82 9.20 5.53
N VAL A 129 -15.70 10.29 4.82
CA VAL A 129 -14.85 11.40 5.22
C VAL A 129 -15.80 12.35 5.94
N ARG A 130 -15.65 12.52 7.24
CA ARG A 130 -16.60 13.34 7.99
C ARG A 130 -15.90 14.31 8.89
N ALA A 131 -16.50 15.47 9.10
CA ALA A 131 -15.96 16.50 9.97
C ALA A 131 -15.89 15.98 11.42
N LYS A 132 -16.90 15.21 11.84
CA LYS A 132 -16.89 14.68 13.20
C LYS A 132 -15.79 13.62 13.38
N GLY A 133 -15.36 13.00 12.28
CA GLY A 133 -14.35 11.96 12.38
C GLY A 133 -14.66 10.95 11.29
N ASP A 134 -13.61 10.49 10.62
CA ASP A 134 -13.73 9.55 9.51
C ASP A 134 -14.00 8.13 9.94
N LYS A 135 -14.58 7.37 9.03
CA LYS A 135 -14.87 5.99 9.31
C LYS A 135 -14.52 5.23 8.08
N ILE A 136 -14.00 4.04 8.30
CA ILE A 136 -13.68 3.15 7.21
C ILE A 136 -14.34 1.86 7.68
N ALA A 137 -14.91 1.11 6.74
CA ALA A 137 -15.54 -0.12 7.11
C ALA A 137 -15.53 -1.11 5.97
N ILE A 138 -15.63 -2.38 6.31
CA ILE A 138 -15.70 -3.40 5.31
C ILE A 138 -17.10 -3.98 5.46
N TRP A 139 -17.78 -4.06 4.33
CA TRP A 139 -19.11 -4.57 4.22
C TRP A 139 -19.05 -6.05 3.94
N THR A 140 -19.78 -6.84 4.71
CA THR A 140 -19.84 -8.26 4.50
C THR A 140 -21.31 -8.55 4.20
N THR A 141 -21.56 -9.67 3.58
CA THR A 141 -22.87 -10.09 3.12
C THR A 141 -23.92 -10.64 4.07
N GLU A 142 -23.53 -11.29 5.16
CA GLU A 142 -24.49 -11.85 6.11
C GLU A 142 -24.00 -11.60 7.53
N CYS A 143 -24.69 -10.74 8.26
CA CYS A 143 -24.32 -10.40 9.63
C CYS A 143 -24.60 -11.58 10.57
N GLU A 144 -25.15 -12.66 10.02
CA GLU A 144 -25.48 -13.85 10.80
C GLU A 144 -24.36 -14.89 10.75
N ASN A 145 -23.45 -14.72 9.78
CA ASN A 145 -22.29 -15.59 9.56
C ASN A 145 -21.15 -15.21 10.47
N ARG A 146 -21.32 -15.46 11.77
CA ARG A 146 -20.34 -15.16 12.81
C ARG A 146 -18.88 -15.47 12.50
N ASP A 147 -18.62 -16.69 12.06
CA ASP A 147 -17.27 -17.13 11.72
C ASP A 147 -16.70 -16.23 10.65
N ALA A 148 -17.44 -16.00 9.56
CA ALA A 148 -16.99 -15.14 8.46
C ALA A 148 -16.69 -13.74 8.97
N VAL A 149 -17.68 -13.15 9.61
CA VAL A 149 -17.58 -11.81 10.18
C VAL A 149 -16.40 -11.68 11.15
N THR A 150 -16.26 -12.63 12.05
CA THR A 150 -15.18 -12.62 13.04
C THR A 150 -13.81 -12.71 12.34
N HIS A 151 -13.69 -13.63 11.40
CA HIS A 151 -12.44 -13.82 10.68
C HIS A 151 -12.04 -12.56 9.97
N ILE A 152 -12.99 -11.96 9.24
CA ILE A 152 -12.78 -10.72 8.52
C ILE A 152 -12.43 -9.64 9.52
N GLY A 153 -13.07 -9.66 10.68
CA GLY A 153 -12.78 -8.67 11.69
C GLY A 153 -11.38 -8.80 12.23
N ARG A 154 -10.98 -10.02 12.61
CA ARG A 154 -9.64 -10.24 13.16
C ARG A 154 -8.54 -10.00 12.13
N VAL A 155 -8.72 -10.46 10.90
CA VAL A 155 -7.72 -10.25 9.86
C VAL A 155 -7.56 -8.76 9.58
N TYR A 156 -8.70 -8.08 9.43
CA TYR A 156 -8.76 -6.68 9.12
C TYR A 156 -8.16 -5.87 10.20
N LYS A 157 -8.50 -6.16 11.44
CA LYS A 157 -7.99 -5.40 12.56
C LYS A 157 -6.49 -5.48 12.69
N GLU A 158 -5.97 -6.68 12.45
CA GLU A 158 -4.53 -6.93 12.53
C GLU A 158 -3.83 -6.15 11.41
N ARG A 159 -4.38 -6.26 10.21
CA ARG A 159 -3.84 -5.59 9.02
C ARG A 159 -3.59 -4.08 9.18
N LEU A 160 -4.59 -3.37 9.70
CA LEU A 160 -4.47 -1.94 9.89
C LEU A 160 -3.56 -1.58 11.06
N GLY A 161 -3.22 -2.57 11.90
CA GLY A 161 -2.36 -2.30 13.04
C GLY A 161 -3.02 -1.39 14.07
N LEU A 162 -4.31 -1.61 14.30
CA LEU A 162 -5.09 -0.87 15.28
C LEU A 162 -4.63 -1.40 16.63
N PRO A 163 -4.50 -0.53 17.65
CA PRO A 163 -4.08 -0.95 18.98
C PRO A 163 -4.84 -2.22 19.32
N PRO A 164 -4.14 -3.34 19.62
CA PRO A 164 -4.84 -4.61 19.93
C PRO A 164 -5.85 -4.63 21.10
N LYS A 165 -5.65 -3.76 22.08
CA LYS A 165 -6.55 -3.76 23.23
C LYS A 165 -7.89 -3.02 22.97
N ILE A 166 -7.94 -2.25 21.89
CA ILE A 166 -9.13 -1.49 21.49
C ILE A 166 -10.02 -2.41 20.66
N VAL A 167 -11.34 -2.39 20.89
CA VAL A 167 -12.17 -3.27 20.10
C VAL A 167 -12.85 -2.45 19.04
N ILE A 168 -13.11 -3.11 17.90
CA ILE A 168 -13.84 -2.53 16.79
C ILE A 168 -15.13 -3.38 16.74
N GLY A 169 -16.24 -2.74 16.41
CA GLY A 169 -17.48 -3.45 16.39
C GLY A 169 -17.95 -3.66 14.98
N TYR A 170 -18.82 -4.63 14.79
CA TYR A 170 -19.39 -4.96 13.51
C TYR A 170 -20.85 -4.66 13.72
N GLN A 171 -21.46 -3.85 12.88
CA GLN A 171 -22.87 -3.53 13.02
C GLN A 171 -23.63 -4.14 11.83
N SER A 172 -24.86 -4.58 12.04
CA SER A 172 -25.58 -5.10 10.91
C SER A 172 -26.19 -3.88 10.26
N HIS A 173 -26.36 -3.91 8.95
CA HIS A 173 -26.94 -2.79 8.25
C HIS A 173 -28.36 -2.60 8.72
N ALA A 174 -29.05 -3.69 9.07
CA ALA A 174 -30.42 -3.62 9.60
C ALA A 174 -30.48 -2.72 10.84
N ASP A 175 -29.59 -2.94 11.81
CA ASP A 175 -29.57 -2.08 13.01
C ASP A 175 -29.13 -0.66 12.68
N THR A 176 -28.17 -0.51 11.78
CA THR A 176 -27.69 0.82 11.40
C THR A 176 -28.88 1.64 10.82
N ALA A 177 -29.77 0.99 10.07
CA ALA A 177 -30.90 1.70 9.48
C ALA A 177 -32.01 2.02 10.50
N THR A 178 -31.99 1.36 11.65
CA THR A 178 -33.03 1.57 12.67
C THR A 178 -32.48 1.90 14.08
N LYS A 179 -31.42 2.67 14.17
CA LYS A 179 -30.85 3.04 15.46
C LYS A 179 -31.46 4.35 15.92
N SER A 180 -31.61 4.49 17.23
CA SER A 180 -32.22 5.69 17.83
C SER A 180 -31.54 7.01 17.42
N LYS A 185 -25.62 -1.55 19.36
CA LYS A 185 -25.27 -1.30 17.95
C LYS A 185 -24.36 -2.41 17.36
N ASN A 186 -23.54 -3.03 18.21
CA ASN A 186 -22.61 -4.08 17.79
C ASN A 186 -23.06 -5.55 17.86
N ARG A 187 -22.94 -6.25 16.74
CA ARG A 187 -23.30 -7.68 16.65
C ARG A 187 -22.16 -8.52 17.09
N PHE A 188 -20.96 -8.06 16.76
CA PHE A 188 -19.70 -8.73 17.09
C PHE A 188 -18.70 -7.66 17.35
N VAL A 189 -17.67 -8.02 18.11
CA VAL A 189 -16.55 -7.16 18.49
C VAL A 189 -15.33 -8.04 18.23
N VAL A 190 -14.15 -7.45 18.04
CA VAL A 190 -12.97 -8.29 17.74
C VAL A 190 -11.59 -7.79 18.22
N VAL B 1 -17.59 -22.46 13.79
CA VAL B 1 -16.42 -22.51 14.69
C VAL B 1 -15.19 -22.17 13.85
N ALA B 2 -14.36 -21.27 14.36
CA ALA B 2 -13.19 -20.83 13.64
C ALA B 2 -12.17 -21.94 13.56
N ASN B 3 -11.45 -21.96 12.44
CA ASN B 3 -10.38 -22.93 12.23
C ASN B 3 -9.12 -22.11 12.33
N PRO B 4 -8.23 -22.43 13.30
CA PRO B 4 -6.97 -21.72 13.53
C PRO B 4 -6.02 -21.77 12.37
N GLU B 5 -6.25 -22.67 11.43
CA GLU B 5 -5.39 -22.77 10.26
C GLU B 5 -5.66 -21.58 9.36
N HIS B 6 -6.84 -21.01 9.51
CA HIS B 6 -7.19 -19.87 8.69
C HIS B 6 -6.40 -18.67 9.08
N TYR B 7 -5.68 -18.78 10.20
CA TYR B 7 -4.87 -17.70 10.75
C TYR B 7 -3.42 -17.73 10.30
N ILE B 8 -3.05 -18.78 9.58
CA ILE B 8 -1.69 -18.92 9.10
C ILE B 8 -1.38 -17.75 8.19
N LYS B 9 -0.25 -17.14 8.51
CA LYS B 9 0.30 -15.99 7.81
C LYS B 9 0.56 -16.42 6.39
N HIS B 10 0.40 -15.48 5.47
CA HIS B 10 0.61 -15.74 4.05
C HIS B 10 2.06 -15.46 3.69
N PRO B 11 2.80 -16.47 3.21
CA PRO B 11 4.19 -16.20 2.86
C PRO B 11 4.40 -15.29 1.64
N LEU B 12 5.52 -14.59 1.66
CA LEU B 12 5.88 -13.77 0.52
C LEU B 12 6.80 -14.71 -0.24
N GLN B 13 7.07 -14.40 -1.49
CA GLN B 13 7.95 -15.22 -2.31
C GLN B 13 9.40 -15.20 -1.81
N ASN B 14 9.81 -14.09 -1.18
CA ASN B 14 11.16 -13.91 -0.69
C ASN B 14 11.10 -13.41 0.76
N ARG B 15 12.22 -13.52 1.48
CA ARG B 15 12.35 -13.00 2.84
C ARG B 15 13.04 -11.66 2.60
N TRP B 16 12.55 -10.60 3.24
CA TRP B 16 13.11 -9.28 3.01
C TRP B 16 13.61 -8.71 4.30
N ALA B 17 14.58 -7.81 4.23
CA ALA B 17 15.08 -7.17 5.43
C ALA B 17 15.02 -5.68 5.20
N LEU B 18 14.57 -4.96 6.22
CA LEU B 18 14.54 -3.52 6.13
C LEU B 18 15.74 -3.02 6.89
N TRP B 19 16.48 -2.12 6.28
CA TRP B 19 17.67 -1.51 6.82
C TRP B 19 17.38 -0.05 7.02
N PHE B 20 18.09 0.54 7.96
CA PHE B 20 17.92 1.96 8.23
C PHE B 20 19.32 2.48 8.29
N PHE B 21 19.51 3.69 7.75
CA PHE B 21 20.82 4.33 7.75
C PHE B 21 20.71 5.68 8.40
N LYS B 22 21.51 5.94 9.42
CA LYS B 22 21.48 7.23 10.05
C LYS B 22 22.90 7.76 9.82
N ASN B 23 23.02 8.94 9.22
CA ASN B 23 24.34 9.48 8.94
C ASN B 23 25.10 10.01 10.16
N ASP B 24 25.57 9.12 11.02
CA ASP B 24 26.35 9.51 12.17
C ASP B 24 27.75 9.76 11.54
N LYS B 25 28.18 11.02 11.55
CA LYS B 25 29.45 11.39 10.93
C LYS B 25 30.70 10.82 11.56
N SER B 26 30.59 10.26 12.77
CA SER B 26 31.77 9.67 13.41
C SER B 26 32.01 8.27 12.91
N LYS B 27 31.11 7.82 12.03
CA LYS B 27 31.18 6.47 11.49
C LYS B 27 31.30 6.39 9.97
N THR B 28 31.73 5.23 9.52
CA THR B 28 31.84 5.07 8.11
C THR B 28 30.40 4.86 7.69
N TRP B 29 30.13 5.11 6.41
CA TRP B 29 28.81 4.93 5.83
C TRP B 29 28.29 3.51 6.17
N GLN B 30 29.16 2.52 5.97
CA GLN B 30 28.83 1.13 6.20
C GLN B 30 28.43 0.83 7.65
N ALA B 31 29.09 1.45 8.62
CA ALA B 31 28.75 1.19 10.02
C ALA B 31 27.47 1.88 10.39
N ASN B 32 26.99 2.78 9.54
CA ASN B 32 25.77 3.52 9.82
C ASN B 32 24.49 2.85 9.41
N LEU B 33 24.62 1.67 8.84
CA LEU B 33 23.53 0.84 8.37
C LEU B 33 23.07 -0.02 9.52
N ARG B 34 21.75 -0.12 9.76
CA ARG B 34 21.25 -0.98 10.83
C ARG B 34 20.12 -1.82 10.22
N LEU B 35 20.11 -3.10 10.53
CA LEU B 35 19.08 -4.01 10.04
C LEU B 35 17.97 -3.81 11.01
N ILE B 36 16.82 -3.31 10.53
CA ILE B 36 15.67 -3.07 11.40
C ILE B 36 14.84 -4.35 11.67
N SER B 37 14.56 -5.08 10.61
CA SER B 37 13.76 -6.28 10.73
C SER B 37 13.76 -7.04 9.42
N LYS B 38 13.43 -8.33 9.52
CA LYS B 38 13.36 -9.23 8.38
C LYS B 38 11.93 -9.74 8.41
N PHE B 39 11.35 -10.00 7.27
CA PHE B 39 9.97 -10.51 7.24
C PHE B 39 9.83 -11.34 6.03
N ASP B 40 8.94 -12.32 6.08
CA ASP B 40 8.70 -13.20 4.95
C ASP B 40 7.24 -13.45 4.73
N THR B 41 6.39 -12.66 5.38
CA THR B 41 4.96 -12.84 5.19
C THR B 41 4.28 -11.50 4.95
N VAL B 42 3.03 -11.57 4.48
CA VAL B 42 2.23 -10.37 4.24
C VAL B 42 1.91 -9.74 5.60
N GLU B 43 1.58 -10.55 6.60
CA GLU B 43 1.26 -10.00 7.89
C GLU B 43 2.44 -9.28 8.49
N ASP B 44 3.60 -9.87 8.33
CA ASP B 44 4.78 -9.26 8.90
C ASP B 44 5.19 -8.08 8.12
N PHE B 45 4.89 -8.06 6.84
CA PHE B 45 5.27 -6.86 6.13
C PHE B 45 4.49 -5.69 6.72
N TRP B 46 3.17 -5.81 6.78
CA TRP B 46 2.34 -4.74 7.30
C TRP B 46 2.58 -4.35 8.74
N ALA B 47 2.86 -5.34 9.59
CA ALA B 47 3.09 -5.06 11.00
C ALA B 47 4.34 -4.17 11.07
N LEU B 48 5.35 -4.48 10.26
CA LEU B 48 6.53 -3.67 10.24
C LEU B 48 6.19 -2.28 9.66
N TYR B 49 5.63 -2.24 8.46
CA TYR B 49 5.28 -0.98 7.83
C TYR B 49 4.43 -0.03 8.67
N ASN B 50 3.46 -0.58 9.38
CA ASN B 50 2.55 0.20 10.19
C ASN B 50 3.15 0.67 11.51
N HIS B 51 4.28 0.09 11.88
CA HIS B 51 4.94 0.42 13.13
C HIS B 51 6.27 1.14 13.01
N ILE B 52 6.54 1.69 11.84
CA ILE B 52 7.77 2.40 11.63
C ILE B 52 7.44 3.71 11.00
N GLN B 53 8.38 4.63 11.16
CA GLN B 53 8.29 5.99 10.68
C GLN B 53 8.18 6.11 9.16
N LEU B 54 7.30 6.97 8.68
CA LEU B 54 7.17 7.15 7.25
C LEU B 54 8.47 7.81 6.77
N SER B 55 8.89 7.51 5.55
CA SER B 55 10.11 8.10 4.98
C SER B 55 10.09 9.63 5.05
N SER B 56 8.96 10.25 4.73
CA SER B 56 8.86 11.69 4.78
C SER B 56 9.04 12.27 6.19
N ASN B 57 9.12 11.43 7.23
CA ASN B 57 9.31 11.93 8.59
C ASN B 57 10.70 11.67 9.11
N LEU B 58 11.53 11.00 8.30
CA LEU B 58 12.90 10.73 8.71
C LEU B 58 13.69 12.03 8.56
N MET B 59 14.69 12.20 9.40
CA MET B 59 15.51 13.37 9.32
C MET B 59 16.32 13.20 8.04
N PRO B 60 16.66 14.29 7.37
CA PRO B 60 17.46 14.24 6.14
C PRO B 60 18.83 13.54 6.37
N GLY B 61 19.29 12.73 5.42
CA GLY B 61 20.56 12.03 5.58
C GLY B 61 20.38 10.55 5.92
N CYS B 62 19.13 10.18 6.10
CA CYS B 62 18.74 8.84 6.44
C CYS B 62 18.12 8.11 5.25
N ASP B 63 18.20 6.79 5.27
CA ASP B 63 17.61 5.96 4.24
C ASP B 63 16.91 4.79 4.91
N TYR B 64 16.08 4.14 4.12
CA TYR B 64 15.38 2.90 4.44
C TYR B 64 15.76 2.08 3.21
N SER B 65 16.04 0.80 3.34
CA SER B 65 16.35 0.01 2.17
C SER B 65 15.65 -1.29 2.40
N LEU B 66 15.00 -1.87 1.40
CA LEU B 66 14.36 -3.16 1.61
C LEU B 66 15.05 -3.97 0.56
N PHE B 67 15.87 -4.92 1.00
CA PHE B 67 16.67 -5.79 0.13
C PHE B 67 16.39 -7.20 0.48
N LYS B 68 16.48 -8.10 -0.48
CA LYS B 68 16.29 -9.50 -0.20
C LYS B 68 17.22 -9.94 0.89
N ASP B 69 16.72 -10.84 1.71
CA ASP B 69 17.51 -11.35 2.80
C ASP B 69 18.85 -11.89 2.28
N GLY B 70 19.93 -11.56 2.98
CA GLY B 70 21.21 -12.02 2.51
C GLY B 70 21.88 -11.01 1.62
N ILE B 71 21.12 -10.03 1.14
CA ILE B 71 21.69 -8.98 0.31
C ILE B 71 21.71 -7.73 1.20
N GLU B 72 22.90 -7.19 1.39
CA GLU B 72 23.11 -5.98 2.16
C GLU B 72 22.90 -4.85 1.17
N PRO B 73 22.25 -3.76 1.61
CA PRO B 73 21.98 -2.61 0.73
C PRO B 73 23.19 -1.75 0.41
N MET B 74 24.27 -2.36 -0.08
CA MET B 74 25.47 -1.59 -0.37
C MET B 74 26.13 -2.11 -1.62
N TRP B 75 26.84 -1.24 -2.35
CA TRP B 75 27.51 -1.60 -3.59
C TRP B 75 28.44 -2.81 -3.45
N GLU B 76 29.05 -2.95 -2.28
CA GLU B 76 30.03 -3.99 -1.99
C GLU B 76 29.50 -5.42 -1.93
N ASP B 77 28.18 -5.55 -1.81
CA ASP B 77 27.56 -6.86 -1.78
C ASP B 77 27.75 -7.46 -3.16
N GLU B 78 28.12 -8.74 -3.23
CA GLU B 78 28.34 -9.44 -4.49
C GLU B 78 27.13 -9.36 -5.34
N LYS B 79 25.96 -9.21 -4.71
CA LYS B 79 24.73 -9.11 -5.50
C LYS B 79 24.51 -7.70 -6.07
N ASN B 80 25.24 -6.72 -5.55
CA ASN B 80 25.07 -5.36 -6.05
C ASN B 80 26.25 -4.80 -6.81
N LYS B 81 27.47 -5.25 -6.50
CA LYS B 81 28.64 -4.68 -7.15
C LYS B 81 28.63 -4.52 -8.64
N ARG B 82 28.03 -5.47 -9.34
CA ARG B 82 27.94 -5.40 -10.79
C ARG B 82 26.56 -4.89 -11.21
N GLY B 83 25.80 -4.37 -10.25
CA GLY B 83 24.47 -3.87 -10.51
C GLY B 83 24.28 -2.38 -10.68
N GLY B 84 23.06 -1.95 -10.48
CA GLY B 84 22.71 -0.56 -10.65
C GLY B 84 21.36 -0.30 -10.04
N ARG B 85 20.83 0.89 -10.30
CA ARG B 85 19.58 1.31 -9.73
C ARG B 85 18.81 2.17 -10.69
N TRP B 86 17.51 1.99 -10.65
CA TRP B 86 16.56 2.80 -11.39
C TRP B 86 16.30 3.88 -10.32
N LEU B 87 16.73 5.12 -10.59
CA LEU B 87 16.57 6.23 -9.64
C LEU B 87 15.33 7.08 -9.88
N ILE B 88 14.56 7.36 -8.85
CA ILE B 88 13.42 8.24 -9.02
C ILE B 88 13.82 9.46 -8.17
N THR B 89 14.11 10.60 -8.78
CA THR B 89 14.43 11.76 -7.96
C THR B 89 13.17 12.58 -7.73
N LEU B 90 13.03 13.13 -6.53
CA LEU B 90 11.85 13.92 -6.24
C LEU B 90 12.28 15.36 -6.01
N ASN B 91 11.48 16.32 -6.47
CA ASN B 91 11.79 17.73 -6.22
C ASN B 91 11.46 17.93 -4.73
N LYS B 92 11.88 19.06 -4.16
CA LYS B 92 11.61 19.32 -2.74
C LYS B 92 10.12 19.26 -2.30
N GLN B 93 9.21 19.61 -3.21
CA GLN B 93 7.78 19.63 -2.91
C GLN B 93 7.14 18.23 -2.83
N GLN B 94 7.76 17.27 -3.52
CA GLN B 94 7.26 15.91 -3.53
C GLN B 94 7.43 15.15 -2.23
N ARG B 95 8.09 15.75 -1.23
CA ARG B 95 8.26 15.07 0.02
C ARG B 95 6.90 14.78 0.69
N ARG B 96 6.03 15.79 0.76
CA ARG B 96 4.71 15.65 1.40
C ARG B 96 3.68 15.00 0.47
N SER B 97 3.86 15.20 -0.83
CA SER B 97 2.93 14.66 -1.77
C SER B 97 3.16 13.21 -2.28
N ASP B 98 4.37 12.91 -2.77
CA ASP B 98 4.64 11.60 -3.35
C ASP B 98 5.59 10.63 -2.67
N LEU B 99 6.45 11.10 -1.77
CA LEU B 99 7.43 10.18 -1.18
C LEU B 99 6.93 8.91 -0.50
N ASP B 100 5.98 9.03 0.41
CA ASP B 100 5.50 7.84 1.09
C ASP B 100 4.69 6.94 0.19
N ARG B 101 3.99 7.52 -0.79
CA ARG B 101 3.21 6.68 -1.71
C ARG B 101 4.15 5.91 -2.62
N PHE B 102 5.16 6.59 -3.13
CA PHE B 102 6.14 5.98 -3.99
C PHE B 102 6.89 4.96 -3.22
N TRP B 103 7.21 5.26 -1.98
CA TRP B 103 7.97 4.28 -1.24
C TRP B 103 7.12 3.04 -0.96
N LEU B 104 5.88 3.23 -0.54
CA LEU B 104 5.04 2.07 -0.28
C LEU B 104 4.80 1.28 -1.58
N GLU B 105 4.58 1.95 -2.69
CA GLU B 105 4.39 1.28 -3.97
C GLU B 105 5.63 0.46 -4.36
N THR B 106 6.82 0.97 -4.05
CA THR B 106 8.06 0.25 -4.38
C THR B 106 8.16 -1.02 -3.55
N LEU B 107 7.87 -0.92 -2.26
CA LEU B 107 7.89 -2.06 -1.33
C LEU B 107 6.94 -3.09 -1.88
N LEU B 108 5.71 -2.66 -2.16
CA LEU B 108 4.67 -3.54 -2.70
C LEU B 108 5.13 -4.20 -4.01
N CYS B 109 5.81 -3.41 -4.82
CA CYS B 109 6.38 -3.80 -6.09
C CYS B 109 7.40 -4.90 -5.83
N LEU B 110 8.28 -4.70 -4.84
CA LEU B 110 9.29 -5.68 -4.50
C LEU B 110 8.70 -6.92 -3.86
N ILE B 111 8.08 -6.79 -2.70
CA ILE B 111 7.54 -7.96 -2.05
C ILE B 111 6.43 -8.65 -2.85
N GLY B 112 5.72 -7.89 -3.68
CA GLY B 112 4.66 -8.46 -4.51
C GLY B 112 5.23 -9.13 -5.76
N GLU B 113 6.56 -9.06 -5.95
CA GLU B 113 7.25 -9.65 -7.09
C GLU B 113 6.64 -9.16 -8.41
N SER B 114 6.45 -7.85 -8.49
CA SER B 114 5.88 -7.24 -9.68
C SER B 114 6.73 -7.38 -10.92
N PHE B 115 7.96 -7.83 -10.80
CA PHE B 115 8.77 -7.96 -11.99
C PHE B 115 8.77 -9.30 -12.76
N ASP B 116 7.87 -10.20 -12.38
CA ASP B 116 7.73 -11.46 -13.07
C ASP B 116 9.04 -12.20 -13.32
N ASP B 117 9.32 -12.45 -14.60
CA ASP B 117 10.51 -13.18 -15.06
C ASP B 117 11.83 -12.51 -14.70
N TYR B 118 11.76 -11.27 -14.21
CA TYR B 118 12.94 -10.52 -13.87
C TYR B 118 13.07 -10.26 -12.38
N SER B 119 12.29 -10.98 -11.58
CA SER B 119 12.33 -10.82 -10.13
C SER B 119 13.70 -11.14 -9.62
N ASP B 120 14.36 -12.08 -10.25
CA ASP B 120 15.68 -12.49 -9.81
C ASP B 120 16.77 -11.48 -10.14
N ASP B 121 16.38 -10.41 -10.82
CA ASP B 121 17.33 -9.38 -11.14
C ASP B 121 17.20 -8.32 -10.04
N VAL B 122 16.11 -8.32 -9.29
CA VAL B 122 15.91 -7.31 -8.24
C VAL B 122 16.56 -7.67 -6.92
N CYS B 123 17.31 -6.70 -6.36
CA CYS B 123 17.98 -6.88 -5.06
C CYS B 123 17.18 -6.23 -3.98
N GLY B 124 16.59 -5.07 -4.28
CA GLY B 124 15.82 -4.38 -3.27
C GLY B 124 15.69 -2.93 -3.62
N ALA B 125 15.35 -2.09 -2.66
CA ALA B 125 15.19 -0.70 -2.98
C ALA B 125 15.65 0.16 -1.84
N VAL B 126 15.91 1.42 -2.16
CA VAL B 126 16.39 2.39 -1.22
C VAL B 126 15.67 3.72 -1.37
N VAL B 127 15.31 4.33 -0.25
CA VAL B 127 14.70 5.65 -0.29
C VAL B 127 15.67 6.48 0.50
N ASN B 128 16.17 7.52 -0.14
CA ASN B 128 17.11 8.45 0.43
C ASN B 128 16.32 9.69 0.78
N VAL B 129 16.28 10.07 2.04
CA VAL B 129 15.56 11.26 2.43
C VAL B 129 16.61 12.37 2.43
N ARG B 130 16.47 13.32 1.49
CA ARG B 130 17.42 14.42 1.31
C ARG B 130 16.78 15.80 1.17
N ALA B 131 17.45 16.81 1.75
CA ALA B 131 16.97 18.19 1.66
C ALA B 131 17.06 18.58 0.21
N LYS B 132 18.17 18.22 -0.43
CA LYS B 132 18.41 18.51 -1.84
C LYS B 132 17.41 17.78 -2.77
N GLY B 133 16.58 16.90 -2.21
CA GLY B 133 15.64 16.15 -3.00
C GLY B 133 15.74 14.67 -2.64
N ASP B 134 14.62 14.05 -2.29
CA ASP B 134 14.60 12.65 -1.91
C ASP B 134 14.75 11.77 -3.16
N LYS B 135 15.27 10.58 -2.98
CA LYS B 135 15.45 9.66 -4.10
C LYS B 135 14.93 8.30 -3.72
N ILE B 136 14.34 7.60 -4.66
CA ILE B 136 13.87 6.26 -4.41
C ILE B 136 14.47 5.51 -5.55
N ALA B 137 14.87 4.27 -5.33
CA ALA B 137 15.48 3.48 -6.38
C ALA B 137 15.34 2.02 -6.13
N ILE B 138 15.39 1.27 -7.23
CA ILE B 138 15.30 -0.17 -7.16
C ILE B 138 16.63 -0.68 -7.66
N TRP B 139 17.33 -1.38 -6.79
CA TRP B 139 18.63 -1.93 -7.12
C TRP B 139 18.49 -3.27 -7.81
N THR B 140 19.19 -3.46 -8.92
CA THR B 140 19.14 -4.73 -9.65
C THR B 140 20.58 -5.27 -9.67
N THR B 141 20.75 -6.59 -9.77
CA THR B 141 22.06 -7.24 -9.71
C THR B 141 23.12 -7.02 -10.78
N GLU B 142 22.68 -6.83 -12.01
CA GLU B 142 23.60 -6.71 -13.11
C GLU B 142 23.16 -5.63 -14.01
N CYS B 143 23.98 -4.61 -14.15
CA CYS B 143 23.61 -3.49 -15.01
C CYS B 143 23.75 -3.80 -16.48
N GLU B 144 24.14 -5.02 -16.79
CA GLU B 144 24.34 -5.42 -18.17
C GLU B 144 23.13 -6.18 -18.75
N ASN B 145 22.25 -6.65 -17.88
CA ASN B 145 21.07 -7.36 -18.36
C ASN B 145 20.08 -6.30 -18.84
N ARG B 146 20.33 -5.75 -20.03
CA ARG B 146 19.48 -4.71 -20.59
C ARG B 146 18.03 -5.14 -20.62
N ASP B 147 17.75 -6.33 -21.14
CA ASP B 147 16.38 -6.77 -21.18
C ASP B 147 15.74 -6.68 -19.82
N ALA B 148 16.41 -7.23 -18.82
CA ALA B 148 15.92 -7.24 -17.44
C ALA B 148 15.76 -5.85 -16.85
N VAL B 149 16.82 -5.09 -16.96
CA VAL B 149 16.84 -3.77 -16.45
C VAL B 149 15.82 -2.88 -17.11
N THR B 150 15.59 -3.07 -18.40
CA THR B 150 14.62 -2.23 -19.08
C THR B 150 13.19 -2.53 -18.69
N HIS B 151 12.90 -3.82 -18.57
CA HIS B 151 11.56 -4.27 -18.23
C HIS B 151 11.18 -3.87 -16.82
N ILE B 152 12.16 -3.93 -15.91
CA ILE B 152 11.94 -3.54 -14.54
C ILE B 152 11.66 -2.05 -14.41
N GLY B 153 12.32 -1.25 -15.23
CA GLY B 153 12.15 0.17 -15.16
C GLY B 153 10.85 0.63 -15.74
N ARG B 154 10.37 -0.03 -16.80
CA ARG B 154 9.10 0.34 -17.45
C ARG B 154 7.95 0.00 -16.50
N VAL B 155 8.03 -1.17 -15.86
CA VAL B 155 7.00 -1.63 -14.91
C VAL B 155 6.98 -0.74 -13.66
N TYR B 156 8.15 -0.36 -13.19
CA TYR B 156 8.28 0.47 -12.03
C TYR B 156 7.75 1.88 -12.34
N LYS B 157 8.09 2.37 -13.51
CA LYS B 157 7.66 3.70 -13.92
C LYS B 157 6.15 3.75 -13.96
N GLU B 158 5.55 2.76 -14.61
CA GLU B 158 4.09 2.72 -14.72
C GLU B 158 3.41 2.59 -13.36
N ARG B 159 3.97 1.71 -12.51
CA ARG B 159 3.46 1.44 -11.17
C ARG B 159 3.37 2.69 -10.37
N LEU B 160 4.39 3.54 -10.46
CA LEU B 160 4.40 4.81 -9.71
C LEU B 160 3.50 5.92 -10.33
N GLY B 161 3.04 5.66 -11.54
CA GLY B 161 2.19 6.62 -12.22
C GLY B 161 2.93 7.84 -12.74
N LEU B 162 4.20 7.68 -13.06
CA LEU B 162 5.01 8.79 -13.55
C LEU B 162 4.58 9.13 -14.95
N PRO B 163 4.41 10.43 -15.23
CA PRO B 163 3.99 10.98 -16.52
C PRO B 163 4.52 10.15 -17.67
N PRO B 164 3.63 9.74 -18.60
CA PRO B 164 3.90 8.93 -19.80
C PRO B 164 5.39 8.88 -20.16
N LYS B 165 6.01 10.04 -20.35
CA LYS B 165 7.41 10.08 -20.68
C LYS B 165 8.17 11.28 -20.16
N ILE B 166 8.67 11.08 -18.96
CA ILE B 166 9.53 11.99 -18.23
C ILE B 166 10.43 10.88 -17.68
N VAL B 167 11.46 10.59 -18.47
CA VAL B 167 12.42 9.51 -18.22
C VAL B 167 12.99 9.41 -16.86
N ILE B 168 13.04 8.17 -16.39
CA ILE B 168 13.68 7.88 -15.15
C ILE B 168 14.93 7.23 -15.73
N GLY B 169 16.03 7.24 -14.98
CA GLY B 169 17.26 6.64 -15.48
C GLY B 169 17.87 5.53 -14.62
N TYR B 170 18.63 4.66 -15.26
CA TYR B 170 19.26 3.56 -14.56
C TYR B 170 20.76 3.81 -14.52
N GLN B 171 21.33 3.83 -13.33
CA GLN B 171 22.77 4.04 -13.17
C GLN B 171 23.44 2.78 -12.61
N SER B 172 24.63 2.44 -13.09
CA SER B 172 25.31 1.30 -12.52
C SER B 172 25.94 1.87 -11.25
N HIS B 173 26.23 0.99 -10.30
CA HIS B 173 26.83 1.40 -9.06
C HIS B 173 28.28 1.72 -9.28
N ALA B 174 28.89 0.99 -10.19
CA ALA B 174 30.28 1.21 -10.50
C ALA B 174 30.43 2.70 -10.91
N ASP B 175 29.50 3.24 -11.70
CA ASP B 175 29.55 4.66 -12.12
C ASP B 175 29.08 5.69 -11.08
N THR B 176 28.28 5.25 -10.10
CA THR B 176 27.82 6.13 -9.03
C THR B 176 28.99 6.23 -8.06
N ALA B 177 29.64 5.10 -7.86
CA ALA B 177 30.76 4.99 -6.96
C ALA B 177 31.98 5.79 -7.42
N THR B 178 32.39 5.59 -8.68
CA THR B 178 33.58 6.23 -9.23
C THR B 178 33.40 7.71 -9.17
N LYS B 179 32.12 8.07 -9.09
CA LYS B 179 31.64 9.45 -9.01
C LYS B 179 31.53 9.68 -10.50
N SER B 180 31.85 10.88 -10.95
CA SER B 180 31.81 11.23 -12.37
C SER B 180 31.84 12.75 -12.22
N GLY B 181 31.21 13.19 -11.13
CA GLY B 181 31.15 14.60 -10.81
C GLY B 181 29.69 14.99 -10.89
N SER B 182 29.24 15.77 -9.91
CA SER B 182 27.87 16.28 -9.83
C SER B 182 26.97 15.23 -9.16
N THR B 183 26.70 14.16 -9.92
CA THR B 183 25.89 12.97 -9.59
C THR B 183 25.64 12.32 -11.00
N THR B 184 25.79 10.99 -11.00
CA THR B 184 25.82 10.04 -12.14
C THR B 184 24.99 9.97 -13.49
N LYS B 185 25.70 9.50 -14.53
CA LYS B 185 25.12 9.35 -15.86
C LYS B 185 24.35 8.04 -15.97
N ASN B 186 23.49 7.97 -16.97
CA ASN B 186 22.65 6.79 -17.16
C ASN B 186 23.11 5.76 -18.17
N ARG B 187 22.86 4.51 -17.83
CA ARG B 187 23.14 3.40 -18.72
C ARG B 187 21.87 3.20 -19.57
N PHE B 188 20.70 3.36 -18.93
CA PHE B 188 19.38 3.19 -19.58
C PHE B 188 18.44 4.25 -19.07
N VAL B 189 17.44 4.60 -19.88
CA VAL B 189 16.41 5.54 -19.47
C VAL B 189 15.09 4.85 -19.82
N VAL B 190 14.03 5.20 -19.13
CA VAL B 190 12.76 4.56 -19.44
C VAL B 190 11.51 5.45 -19.33
#